data_7FN8
#
_entry.id   7FN8
#
_cell.length_a   88.332
_cell.length_b   82.03
_cell.length_c   93.63
_cell.angle_alpha   90
_cell.angle_beta   108.18
_cell.angle_gamma   90
#
_symmetry.space_group_name_H-M   'C 1 2 1'
#
loop_
_entity.id
_entity.type
_entity.pdbx_description
1 polymer 'Pre-mRNA-splicing factor 8'
2 polymer 'A1 cistron-splicing factor AAR2'
3 non-polymer N~2~-[(3-chlorophenyl)methyl]-N~2~-methylglycinamide
4 water water
#
loop_
_entity_poly.entity_id
_entity_poly.type
_entity_poly.pdbx_seq_one_letter_code
_entity_poly.pdbx_strand_id
1 'polypeptide(L)'
;GAMNSSNYAELFNNDIKLFVDDTNVYRVTVHKTFEGNVATKAINGCIFTLNPKTGHLFLKIIHTSVWAGQKRLSQLAKWK
TAEEVSALVRSLPKEEQPKQIIVTRKAMLDPLEVHMLDFPNIAIRPTELRLPFSAAMSIDKLSDVVMKATEPQMVLFNIY
DDWLDRISSYTAFSRLTLLLRALKTNEESAKMILLSDPTITIKSYHLWPSFTDEQWITIESQMRDLILTEYGRKYNVNIS
ALTQTEIKDIILGQNIKA
;
A
2 'polypeptide(L)'
;GAMAMNTVPFTSAPIEVTIGIDQYSFNVKENQPFHGIKDIPIGHVHVIHFQHADNSSMRYGYWFDCRMGNFYIQYDPKDG
LYKMMEERDGAKFENIVHNFKERQMMVSYPKIDEDDTWYNLTEFVQMDKIRKIVRKDENQFSYVDSSMTTVQENELSSSS
SDPAHSLNYTVINFKSREAIRPGHEMEDFLDKSYYLNTVMLQGIFKNSSNYFGELQFAFLNAMFFGNYGSSLQWHAMIEL
ICSSATVPKHMLDKLDEILYYQIKTLPEQYSDILLNERVWNICLYSSFQKNSLHNTEKIMENKYPELL
;
B
#
loop_
_chem_comp.id
_chem_comp.type
_chem_comp.name
_chem_comp.formula
VYK non-polymer N~2~-[(3-chlorophenyl)methyl]-N~2~-methylglycinamide 'C10 H13 Cl N2 O'
#
# COMPACT_ATOMS: atom_id res chain seq x y z
N GLY A 1 7.86 -2.38 14.23
CA GLY A 1 8.41 -1.12 13.76
C GLY A 1 9.89 -1.17 13.42
N ALA A 2 10.48 0.00 13.19
CA ALA A 2 11.88 0.06 12.79
C ALA A 2 12.82 -0.26 13.94
N MET A 3 13.97 -0.83 13.58
CA MET A 3 15.00 -1.15 14.54
C MET A 3 15.89 0.09 14.68
N ASN A 4 16.13 0.53 15.90
CA ASN A 4 16.85 1.79 16.11
C ASN A 4 17.70 1.66 17.37
N SER A 5 18.34 2.78 17.76
CA SER A 5 19.18 2.75 18.94
C SER A 5 18.42 2.35 20.19
N SER A 6 17.10 2.59 20.21
CA SER A 6 16.29 2.38 21.42
C SER A 6 16.00 0.91 21.67
N ASN A 7 15.88 0.10 20.60
CA ASN A 7 15.55 -1.31 20.73
C ASN A 7 16.69 -2.20 20.26
N TYR A 8 17.91 -1.68 20.38
CA TYR A 8 19.11 -2.36 19.88
C TYR A 8 19.31 -3.73 20.51
N ALA A 9 19.06 -3.86 21.81
CA ALA A 9 19.38 -5.12 22.46
C ALA A 9 18.50 -6.28 22.01
N GLU A 10 17.40 -5.99 21.33
CA GLU A 10 16.56 -7.05 20.77
C GLU A 10 17.34 -7.93 19.81
N LEU A 11 18.41 -7.40 19.21
CA LEU A 11 19.19 -8.20 18.28
C LEU A 11 19.80 -9.43 18.92
N PHE A 12 20.01 -9.42 20.23
CA PHE A 12 20.75 -10.46 20.92
C PHE A 12 19.86 -11.32 21.80
N ASN A 13 18.54 -11.18 21.68
CA ASN A 13 17.66 -12.07 22.40
C ASN A 13 17.59 -13.40 21.67
N ASN A 14 16.71 -14.28 22.13
CA ASN A 14 16.67 -15.65 21.64
C ASN A 14 15.62 -15.87 20.57
N ASP A 15 15.02 -14.80 20.02
CA ASP A 15 14.17 -14.91 18.85
C ASP A 15 15.06 -14.86 17.62
N ILE A 16 14.98 -15.87 16.76
CA ILE A 16 15.86 -15.90 15.62
C ILE A 16 15.54 -14.76 14.68
N LYS A 17 16.58 -14.05 14.23
CA LYS A 17 16.41 -12.96 13.29
C LYS A 17 17.59 -12.86 12.35
N LEU A 18 17.35 -12.30 11.18
CA LEU A 18 18.40 -12.13 10.19
C LEU A 18 18.40 -10.70 9.69
N PHE A 19 19.59 -10.11 9.53
CA PHE A 19 19.77 -8.91 8.75
C PHE A 19 19.97 -9.33 7.31
N VAL A 20 19.39 -8.56 6.39
CA VAL A 20 19.66 -8.73 4.96
C VAL A 20 20.18 -7.42 4.41
N ASP A 21 21.36 -7.45 3.79
CA ASP A 21 21.91 -6.26 3.12
C ASP A 21 22.07 -6.58 1.64
N ASP A 22 21.48 -5.76 0.78
CA ASP A 22 21.51 -5.95 -0.67
C ASP A 22 22.49 -5.03 -1.41
N THR A 23 23.33 -4.29 -0.68
N THR A 23 23.38 -4.30 -0.70
CA THR A 23 24.16 -3.28 -1.31
CA THR A 23 24.19 -3.26 -1.33
C THR A 23 24.98 -3.91 -2.43
C THR A 23 25.30 -3.80 -2.22
N ASN A 24 25.55 -5.09 -2.17
CA ASN A 24 26.54 -5.69 -3.07
C ASN A 24 25.95 -6.73 -3.98
N VAL A 25 24.65 -6.68 -4.24
CA VAL A 25 24.04 -7.66 -5.13
C VAL A 25 24.35 -7.32 -6.59
N TYR A 26 24.08 -6.08 -6.99
CA TYR A 26 24.31 -5.62 -8.36
C TYR A 26 25.51 -4.69 -8.30
N ARG A 27 26.63 -5.15 -8.86
CA ARG A 27 27.88 -4.42 -8.85
C ARG A 27 28.33 -4.25 -10.28
N VAL A 28 28.80 -3.03 -10.61
CA VAL A 28 29.26 -2.74 -11.97
C VAL A 28 30.54 -1.91 -11.93
N THR A 29 31.26 -1.98 -13.04
CA THR A 29 32.28 -1.00 -13.39
C THR A 29 31.71 -0.16 -14.53
N VAL A 30 31.87 1.16 -14.43
CA VAL A 30 31.43 2.09 -15.46
C VAL A 30 32.66 2.42 -16.32
N HIS A 31 32.49 2.40 -17.65
CA HIS A 31 33.61 2.61 -18.55
C HIS A 31 33.13 3.24 -19.85
N LYS A 32 34.09 3.66 -20.67
CA LYS A 32 33.79 4.31 -21.95
C LYS A 32 33.75 3.30 -23.08
N THR A 33 32.91 3.56 -24.08
CA THR A 33 32.87 2.72 -25.28
C THR A 33 33.79 3.29 -26.36
N PHE A 34 34.04 2.49 -27.40
CA PHE A 34 34.86 2.96 -28.50
C PHE A 34 34.30 4.24 -29.10
N GLU A 35 32.98 4.39 -29.10
CA GLU A 35 32.33 5.57 -29.62
C GLU A 35 32.33 6.72 -28.62
N GLY A 36 32.88 6.51 -27.44
CA GLY A 36 32.92 7.55 -26.44
C GLY A 36 31.66 7.67 -25.62
N ASN A 37 30.79 6.66 -25.64
CA ASN A 37 29.66 6.65 -24.74
C ASN A 37 30.05 5.87 -23.51
N VAL A 38 29.15 5.83 -22.54
CA VAL A 38 29.42 5.14 -21.29
C VAL A 38 28.61 3.86 -21.25
N ALA A 39 29.24 2.81 -20.72
CA ALA A 39 28.58 1.54 -20.53
C ALA A 39 28.98 0.96 -19.19
N THR A 40 28.18 -0.01 -18.72
CA THR A 40 28.51 -0.74 -17.51
C THR A 40 28.82 -2.19 -17.84
N LYS A 41 29.70 -2.77 -17.03
CA LYS A 41 29.94 -4.22 -17.05
C LYS A 41 29.70 -4.75 -15.63
N ALA A 42 28.77 -5.68 -15.51
CA ALA A 42 28.52 -6.28 -14.20
C ALA A 42 29.68 -7.17 -13.74
N ILE A 43 29.83 -7.24 -12.43
CA ILE A 43 30.71 -8.19 -11.78
C ILE A 43 29.92 -8.93 -10.70
N ASN A 44 30.45 -10.08 -10.29
CA ASN A 44 29.70 -10.92 -9.37
C ASN A 44 29.42 -10.15 -8.09
N GLY A 45 28.26 -10.44 -7.52
CA GLY A 45 27.86 -9.79 -6.27
C GLY A 45 27.44 -10.81 -5.25
N CYS A 46 26.77 -10.35 -4.18
CA CYS A 46 26.40 -11.25 -3.10
C CYS A 46 25.30 -10.59 -2.27
N ILE A 47 24.45 -11.44 -1.73
CA ILE A 47 23.54 -11.07 -0.64
C ILE A 47 24.21 -11.42 0.67
N PHE A 48 24.11 -10.49 1.61
CA PHE A 48 24.71 -10.60 2.93
C PHE A 48 23.56 -10.80 3.90
N THR A 49 23.39 -12.01 4.41
CA THR A 49 22.28 -12.39 5.29
C THR A 49 22.91 -12.91 6.56
N LEU A 50 22.68 -12.21 7.68
CA LEU A 50 23.50 -12.45 8.87
C LEU A 50 22.59 -12.63 10.08
N ASN A 51 22.82 -13.68 10.84
CA ASN A 51 22.22 -13.80 12.17
C ASN A 51 23.11 -13.07 13.16
N PRO A 52 22.67 -11.96 13.76
CA PRO A 52 23.57 -11.19 14.64
C PRO A 52 23.82 -11.82 16.00
N LYS A 53 22.99 -12.78 16.40
CA LYS A 53 23.19 -13.48 17.66
C LYS A 53 24.26 -14.56 17.54
N THR A 54 24.29 -15.30 16.42
CA THR A 54 25.17 -16.44 16.33
C THR A 54 26.37 -16.22 15.41
N GLY A 55 26.32 -15.17 14.59
CA GLY A 55 27.38 -14.92 13.62
C GLY A 55 27.21 -15.66 12.32
N HIS A 56 26.22 -16.55 12.23
CA HIS A 56 26.04 -17.30 11.00
C HIS A 56 25.71 -16.37 9.84
N LEU A 57 26.48 -16.51 8.76
CA LEU A 57 26.37 -15.69 7.57
C LEU A 57 26.01 -16.62 6.41
N PHE A 58 24.96 -16.28 5.70
CA PHE A 58 24.55 -17.00 4.48
C PHE A 58 24.89 -16.07 3.34
N LEU A 59 25.97 -16.35 2.63
CA LEU A 59 26.49 -15.45 1.61
C LEU A 59 26.04 -16.06 0.28
N LYS A 60 24.99 -15.51 -0.31
CA LYS A 60 24.53 -16.05 -1.59
C LYS A 60 25.23 -15.24 -2.65
N ILE A 61 26.03 -15.94 -3.46
CA ILE A 61 26.80 -15.30 -4.51
C ILE A 61 25.91 -15.14 -5.73
N ILE A 62 25.88 -13.92 -6.27
CA ILE A 62 25.03 -13.52 -7.40
C ILE A 62 25.95 -13.44 -8.59
N HIS A 63 25.85 -14.43 -9.48
CA HIS A 63 26.74 -14.52 -10.62
C HIS A 63 26.20 -13.64 -11.73
N THR A 64 27.11 -13.02 -12.49
CA THR A 64 26.72 -12.03 -13.49
C THR A 64 25.74 -12.58 -14.52
N SER A 65 25.67 -13.89 -14.69
CA SER A 65 24.76 -14.47 -15.67
C SER A 65 23.30 -14.21 -15.31
N VAL A 66 22.99 -13.94 -14.04
N VAL A 66 23.02 -13.95 -14.03
CA VAL A 66 21.60 -13.68 -13.69
CA VAL A 66 21.67 -13.61 -13.59
C VAL A 66 21.10 -12.38 -14.30
C VAL A 66 21.12 -12.42 -14.37
N TRP A 67 21.99 -11.47 -14.70
CA TRP A 67 21.55 -10.21 -15.30
C TRP A 67 21.40 -10.28 -16.81
N ALA A 68 21.83 -11.37 -17.43
CA ALA A 68 21.89 -11.42 -18.90
C ALA A 68 20.52 -11.20 -19.51
N GLY A 69 20.43 -10.20 -20.36
CA GLY A 69 19.19 -9.94 -21.09
C GLY A 69 18.10 -9.30 -20.27
N GLN A 70 18.40 -8.89 -19.05
CA GLN A 70 17.40 -8.24 -18.21
C GLN A 70 17.55 -6.72 -18.27
N LYS A 71 16.43 -6.02 -18.05
CA LYS A 71 16.38 -4.58 -17.98
C LYS A 71 16.18 -4.12 -16.54
N ARG A 72 16.44 -2.82 -16.33
CA ARG A 72 16.19 -2.16 -15.05
C ARG A 72 16.83 -2.96 -13.93
N LEU A 73 18.15 -3.16 -14.05
CA LEU A 73 18.81 -4.13 -13.19
C LEU A 73 18.79 -3.72 -11.73
N SER A 74 18.92 -2.42 -11.45
CA SER A 74 18.91 -2.03 -10.03
C SER A 74 17.57 -2.35 -9.37
N GLN A 75 16.47 -2.22 -10.12
CA GLN A 75 15.19 -2.68 -9.61
C GLN A 75 15.13 -4.19 -9.51
N LEU A 76 15.60 -4.90 -10.53
CA LEU A 76 15.54 -6.36 -10.48
C LEU A 76 16.37 -6.89 -9.32
N ALA A 77 17.48 -6.23 -9.01
CA ALA A 77 18.35 -6.70 -7.94
C ALA A 77 17.62 -6.82 -6.61
N LYS A 78 16.70 -5.89 -6.34
CA LYS A 78 15.96 -5.98 -5.07
C LYS A 78 15.04 -7.19 -5.05
N TRP A 79 14.38 -7.48 -6.18
CA TRP A 79 13.48 -8.62 -6.26
C TRP A 79 14.24 -9.94 -6.25
N LYS A 80 15.40 -9.99 -6.93
CA LYS A 80 16.24 -11.16 -6.87
C LYS A 80 16.71 -11.43 -5.44
N THR A 81 17.10 -10.36 -4.73
CA THR A 81 17.45 -10.49 -3.32
C THR A 81 16.31 -11.10 -2.53
N ALA A 82 15.11 -10.54 -2.68
CA ALA A 82 13.98 -11.06 -1.95
C ALA A 82 13.65 -12.49 -2.33
N GLU A 83 13.76 -12.86 -3.63
CA GLU A 83 13.56 -14.24 -4.04
C GLU A 83 14.55 -15.19 -3.34
N GLU A 84 15.83 -14.82 -3.30
CA GLU A 84 16.83 -15.68 -2.70
C GLU A 84 16.67 -15.78 -1.19
N VAL A 85 16.27 -14.68 -0.53
CA VAL A 85 16.04 -14.74 0.92
C VAL A 85 14.87 -15.66 1.24
N SER A 86 13.77 -15.54 0.49
N SER A 86 13.76 -15.50 0.49
CA SER A 86 12.63 -16.42 0.73
CA SER A 86 12.62 -16.39 0.64
C SER A 86 12.97 -17.88 0.41
C SER A 86 13.00 -17.84 0.43
N ALA A 87 13.80 -18.13 -0.61
CA ALA A 87 14.25 -19.50 -0.85
C ALA A 87 15.11 -20.02 0.29
N LEU A 88 15.96 -19.17 0.86
CA LEU A 88 16.74 -19.59 2.03
C LEU A 88 15.84 -19.93 3.19
N VAL A 89 14.84 -19.09 3.46
CA VAL A 89 13.97 -19.40 4.58
C VAL A 89 13.28 -20.73 4.34
N ARG A 90 12.71 -20.93 3.16
CA ARG A 90 12.02 -22.19 2.86
C ARG A 90 12.95 -23.38 3.00
N SER A 91 14.24 -23.18 2.77
CA SER A 91 15.19 -24.28 2.87
C SER A 91 15.54 -24.60 4.31
N LEU A 92 15.24 -23.73 5.23
CA LEU A 92 15.62 -24.01 6.60
C LEU A 92 14.53 -24.82 7.28
N PRO A 93 14.89 -25.69 8.21
CA PRO A 93 13.88 -26.33 9.06
C PRO A 93 13.08 -25.30 9.82
N LYS A 94 11.82 -25.65 10.09
CA LYS A 94 10.90 -24.71 10.74
C LYS A 94 11.49 -24.08 11.98
N GLU A 95 12.10 -24.89 12.86
CA GLU A 95 12.68 -24.37 14.09
C GLU A 95 13.90 -23.49 13.87
N GLU A 96 14.44 -23.44 12.65
CA GLU A 96 15.54 -22.54 12.35
C GLU A 96 15.10 -21.31 11.56
N GLN A 97 13.86 -21.22 11.15
CA GLN A 97 13.44 -20.07 10.38
C GLN A 97 13.35 -18.83 11.27
N PRO A 98 13.65 -17.66 10.72
CA PRO A 98 13.64 -16.44 11.53
C PRO A 98 12.22 -16.03 11.86
N LYS A 99 12.09 -15.36 12.99
N LYS A 99 12.09 -15.36 12.99
CA LYS A 99 10.85 -14.70 13.34
CA LYS A 99 10.84 -14.69 13.34
C LYS A 99 10.79 -13.27 12.82
C LYS A 99 10.79 -13.26 12.84
N GLN A 100 11.95 -12.66 12.53
CA GLN A 100 12.01 -11.35 11.91
C GLN A 100 13.15 -11.31 10.89
N ILE A 101 12.99 -10.52 9.85
CA ILE A 101 14.06 -10.20 8.90
C ILE A 101 14.17 -8.68 8.88
N ILE A 102 15.35 -8.16 9.17
CA ILE A 102 15.59 -6.72 9.20
C ILE A 102 16.39 -6.33 7.95
N VAL A 103 15.80 -5.51 7.10
CA VAL A 103 16.47 -5.08 5.88
C VAL A 103 17.24 -3.79 6.12
N THR A 104 18.46 -3.72 5.62
CA THR A 104 19.28 -2.56 5.87
C THR A 104 18.89 -1.36 5.03
N ARG A 105 18.15 -1.57 3.93
CA ARG A 105 17.69 -0.50 3.05
C ARG A 105 16.19 -0.61 2.85
N LYS A 106 15.45 0.51 3.04
CA LYS A 106 14.01 0.47 3.06
C LYS A 106 13.41 0.04 1.74
N ALA A 107 14.13 0.20 0.63
CA ALA A 107 13.63 -0.23 -0.65
C ALA A 107 13.50 -1.74 -0.76
N MET A 108 14.08 -2.51 0.19
CA MET A 108 13.86 -3.94 0.23
C MET A 108 12.57 -4.35 0.89
N LEU A 109 11.81 -3.42 1.51
CA LEU A 109 10.65 -3.85 2.28
C LEU A 109 9.58 -4.46 1.41
N ASP A 110 9.16 -3.77 0.34
CA ASP A 110 8.07 -4.30 -0.46
C ASP A 110 8.48 -5.58 -1.19
N PRO A 111 9.63 -5.64 -1.87
CA PRO A 111 10.01 -6.90 -2.51
C PRO A 111 10.04 -8.07 -1.54
N LEU A 112 10.59 -7.88 -0.35
CA LEU A 112 10.68 -8.98 0.59
C LEU A 112 9.32 -9.36 1.15
N GLU A 113 8.49 -8.36 1.50
CA GLU A 113 7.14 -8.67 1.95
C GLU A 113 6.37 -9.50 0.91
N VAL A 114 6.43 -9.10 -0.37
CA VAL A 114 5.69 -9.84 -1.37
C VAL A 114 6.23 -11.25 -1.52
N HIS A 115 7.55 -11.42 -1.50
CA HIS A 115 8.07 -12.77 -1.62
C HIS A 115 7.81 -13.64 -0.38
N MET A 116 7.51 -13.03 0.75
CA MET A 116 7.31 -13.77 1.98
C MET A 116 5.83 -13.87 2.36
N LEU A 117 4.92 -13.69 1.39
CA LEU A 117 3.49 -13.74 1.72
C LEU A 117 3.10 -15.06 2.35
N ASP A 118 3.76 -16.17 1.95
CA ASP A 118 3.50 -17.47 2.53
C ASP A 118 3.94 -17.58 3.98
N PHE A 119 4.63 -16.56 4.52
CA PHE A 119 5.12 -16.54 5.90
C PHE A 119 4.56 -15.33 6.63
N PRO A 120 3.25 -15.30 6.85
CA PRO A 120 2.65 -14.12 7.46
C PRO A 120 3.16 -13.80 8.86
N ASN A 121 3.73 -14.77 9.57
CA ASN A 121 4.22 -14.54 10.93
C ASN A 121 5.70 -14.17 11.00
N ILE A 122 6.40 -14.01 9.88
CA ILE A 122 7.76 -13.48 9.89
C ILE A 122 7.68 -11.98 9.64
N ALA A 123 8.08 -11.19 10.62
CA ALA A 123 8.01 -9.74 10.50
C ALA A 123 9.16 -9.22 9.67
N ILE A 124 8.84 -8.31 8.74
CA ILE A 124 9.82 -7.66 7.88
C ILE A 124 9.95 -6.22 8.35
N ARG A 125 11.14 -5.85 8.79
CA ARG A 125 11.38 -4.61 9.50
C ARG A 125 12.48 -3.81 8.84
N PRO A 126 12.34 -2.49 8.77
CA PRO A 126 13.46 -1.65 8.40
C PRO A 126 14.30 -1.28 9.59
N THR A 127 15.33 -0.48 9.38
CA THR A 127 16.14 -0.01 10.49
C THR A 127 16.56 1.42 10.26
N GLU A 128 16.66 2.17 11.36
N GLU A 128 16.65 2.18 11.35
CA GLU A 128 17.18 3.53 11.36
CA GLU A 128 17.21 3.52 11.26
C GLU A 128 18.70 3.56 11.55
C GLU A 128 18.73 3.54 11.42
N LEU A 129 19.31 2.43 11.86
CA LEU A 129 20.76 2.35 11.96
C LEU A 129 21.42 2.36 10.58
N ARG A 130 22.60 2.99 10.53
CA ARG A 130 23.38 3.06 9.30
C ARG A 130 24.49 2.01 9.40
N LEU A 131 24.12 0.77 9.16
CA LEU A 131 25.04 -0.33 9.37
C LEU A 131 26.04 -0.44 8.21
N PRO A 132 27.25 -0.87 8.49
CA PRO A 132 28.32 -0.80 7.47
C PRO A 132 28.49 -2.09 6.68
N PHE A 133 27.41 -2.84 6.47
CA PHE A 133 27.57 -4.16 5.87
C PHE A 133 28.03 -4.08 4.41
N SER A 134 27.90 -2.94 3.74
CA SER A 134 28.44 -2.83 2.38
C SER A 134 29.93 -3.14 2.33
N ALA A 135 30.64 -2.92 3.41
CA ALA A 135 32.06 -3.19 3.47
C ALA A 135 32.39 -4.66 3.57
N ALA A 136 31.41 -5.55 3.49
CA ALA A 136 31.71 -6.97 3.58
C ALA A 136 32.65 -7.42 2.48
N MET A 137 32.57 -6.80 1.30
CA MET A 137 33.52 -7.17 0.27
C MET A 137 34.93 -6.65 0.52
N SER A 138 35.19 -5.95 1.62
CA SER A 138 36.55 -5.64 2.01
C SER A 138 37.18 -6.74 2.87
N ILE A 139 36.42 -7.74 3.27
CA ILE A 139 36.95 -8.93 3.93
C ILE A 139 37.47 -9.84 2.84
N ASP A 140 38.78 -10.11 2.88
CA ASP A 140 39.46 -10.71 1.74
C ASP A 140 38.85 -12.06 1.35
N LYS A 141 38.57 -12.91 2.34
CA LYS A 141 38.07 -14.24 2.01
C LYS A 141 36.67 -14.19 1.42
N LEU A 142 35.86 -13.20 1.81
CA LEU A 142 34.54 -13.07 1.22
C LEU A 142 34.61 -12.54 -0.19
N SER A 143 35.41 -11.47 -0.41
CA SER A 143 35.60 -10.98 -1.77
C SER A 143 36.18 -12.07 -2.68
N ASP A 144 37.08 -12.90 -2.16
CA ASP A 144 37.70 -13.91 -3.02
C ASP A 144 36.69 -14.95 -3.49
N VAL A 145 35.79 -15.41 -2.61
CA VAL A 145 34.84 -16.43 -3.04
C VAL A 145 33.83 -15.85 -4.01
N VAL A 146 33.45 -14.59 -3.83
CA VAL A 146 32.50 -13.96 -4.76
C VAL A 146 33.13 -13.80 -6.14
N MET A 147 34.37 -13.31 -6.17
N MET A 147 34.36 -13.29 -6.19
N MET A 147 34.36 -13.30 -6.19
CA MET A 147 35.02 -12.98 -7.42
CA MET A 147 34.98 -12.99 -7.48
CA MET A 147 34.96 -13.02 -7.50
C MET A 147 35.38 -14.23 -8.22
C MET A 147 35.33 -14.26 -8.25
C MET A 147 35.25 -14.30 -8.25
N LYS A 148 35.58 -15.37 -7.55
CA LYS A 148 35.94 -16.61 -8.24
C LYS A 148 34.76 -17.45 -8.70
N ALA A 149 33.55 -17.10 -8.28
CA ALA A 149 32.42 -17.97 -8.55
C ALA A 149 32.12 -17.98 -10.04
N THR A 150 31.83 -19.17 -10.55
CA THR A 150 31.51 -19.38 -11.95
C THR A 150 30.04 -19.69 -12.16
N GLU A 151 29.26 -19.73 -11.09
CA GLU A 151 27.85 -20.06 -11.14
C GLU A 151 27.24 -19.64 -9.81
N PRO A 152 25.93 -19.57 -9.72
CA PRO A 152 25.30 -19.23 -8.42
C PRO A 152 25.71 -20.21 -7.33
N GLN A 153 25.97 -19.68 -6.13
CA GLN A 153 26.48 -20.53 -5.08
C GLN A 153 26.14 -19.89 -3.76
N MET A 154 25.85 -20.71 -2.75
CA MET A 154 25.67 -20.26 -1.35
C MET A 154 26.87 -20.74 -0.55
N VAL A 155 27.50 -19.83 0.18
CA VAL A 155 28.64 -20.18 1.03
C VAL A 155 28.32 -19.73 2.45
N LEU A 156 28.59 -20.60 3.43
CA LEU A 156 28.29 -20.35 4.83
C LEU A 156 29.55 -20.00 5.59
N PHE A 157 29.46 -18.96 6.42
CA PHE A 157 30.57 -18.56 7.26
C PHE A 157 30.04 -18.24 8.65
N ASN A 158 30.95 -18.17 9.62
CA ASN A 158 30.67 -17.51 10.90
C ASN A 158 31.49 -16.23 10.92
N ILE A 159 30.81 -15.08 10.84
CA ILE A 159 31.50 -13.80 10.71
C ILE A 159 32.20 -13.39 12.00
N TYR A 160 31.93 -14.08 13.11
CA TYR A 160 32.56 -13.80 14.41
C TYR A 160 33.73 -14.72 14.70
N ASP A 161 34.13 -15.54 13.73
CA ASP A 161 35.18 -16.55 14.01
C ASP A 161 34.80 -17.31 15.28
N ASP A 162 35.71 -17.46 16.26
CA ASP A 162 35.43 -18.10 17.53
C ASP A 162 35.21 -17.10 18.65
N TRP A 163 34.88 -15.84 18.33
CA TRP A 163 34.82 -14.81 19.37
C TRP A 163 33.81 -15.16 20.46
N LEU A 164 32.71 -15.84 20.11
CA LEU A 164 31.65 -16.10 21.07
C LEU A 164 32.08 -17.06 22.16
N ASP A 165 33.22 -17.75 22.00
CA ASP A 165 33.76 -18.53 23.09
C ASP A 165 34.22 -17.66 24.25
N ARG A 166 34.55 -16.39 23.99
CA ARG A 166 35.08 -15.49 25.01
C ARG A 166 34.25 -14.24 25.26
N ILE A 167 33.39 -13.81 24.31
CA ILE A 167 32.60 -12.59 24.45
C ILE A 167 31.14 -12.86 24.08
N SER A 168 30.29 -11.90 24.46
CA SER A 168 28.87 -12.05 24.20
C SER A 168 28.55 -11.58 22.78
N SER A 169 27.35 -11.91 22.33
N SER A 169 27.34 -11.88 22.32
CA SER A 169 26.91 -11.49 21.00
CA SER A 169 26.97 -11.48 20.97
C SER A 169 26.91 -9.97 20.88
C SER A 169 26.82 -9.98 20.84
N TYR A 170 26.45 -9.27 21.92
CA TYR A 170 26.45 -7.81 21.85
C TYR A 170 27.85 -7.29 21.56
N THR A 171 28.85 -7.80 22.28
CA THR A 171 30.22 -7.34 22.12
C THR A 171 30.76 -7.76 20.75
N ALA A 172 30.41 -8.96 20.31
CA ALA A 172 30.85 -9.44 18.97
C ALA A 172 30.29 -8.57 17.85
N PHE A 173 28.99 -8.24 17.91
CA PHE A 173 28.40 -7.39 16.89
C PHE A 173 29.03 -6.00 16.92
N SER A 174 29.27 -5.46 18.12
CA SER A 174 29.94 -4.17 18.22
C SER A 174 31.33 -4.21 17.61
N ARG A 175 32.07 -5.30 17.80
CA ARG A 175 33.39 -5.41 17.19
C ARG A 175 33.25 -5.50 15.68
N LEU A 176 32.30 -6.29 15.21
CA LEU A 176 32.13 -6.45 13.76
C LEU A 176 31.79 -5.11 13.13
N THR A 177 30.83 -4.37 13.72
CA THR A 177 30.40 -3.12 13.12
C THR A 177 31.53 -2.09 13.17
N LEU A 178 32.38 -2.15 14.21
CA LEU A 178 33.54 -1.27 14.25
C LEU A 178 34.52 -1.59 13.13
N LEU A 179 34.86 -2.86 12.96
CA LEU A 179 35.77 -3.26 11.91
C LEU A 179 35.23 -2.86 10.55
N LEU A 180 33.95 -3.11 10.30
CA LEU A 180 33.40 -2.82 8.99
C LEU A 180 33.29 -1.31 8.74
N ARG A 181 32.87 -0.55 9.74
CA ARG A 181 32.86 0.89 9.58
C ARG A 181 34.24 1.43 9.24
N ALA A 182 35.29 0.90 9.90
CA ALA A 182 36.66 1.31 9.58
C ALA A 182 36.99 0.98 8.13
N LEU A 183 36.74 -0.27 7.73
CA LEU A 183 37.03 -0.67 6.36
C LEU A 183 36.27 0.18 5.35
N LYS A 184 35.04 0.59 5.68
CA LYS A 184 34.24 1.44 4.81
C LYS A 184 34.80 2.86 4.69
N THR A 185 35.35 3.41 5.78
N THR A 185 35.36 3.41 5.78
CA THR A 185 35.80 4.79 5.76
CA THR A 185 35.80 4.80 5.76
C THR A 185 37.19 4.93 5.14
C THR A 185 37.21 4.98 5.22
N ASN A 186 38.10 4.01 5.47
CA ASN A 186 39.46 4.07 4.90
C ASN A 186 39.97 2.61 4.84
N GLU A 187 39.62 1.94 3.74
CA GLU A 187 39.93 0.52 3.62
C GLU A 187 41.44 0.27 3.77
N GLU A 188 42.27 1.05 3.08
CA GLU A 188 43.71 0.78 3.11
C GLU A 188 44.24 0.85 4.54
N SER A 189 43.96 1.94 5.22
CA SER A 189 44.44 2.09 6.59
C SER A 189 43.89 0.98 7.48
N ALA A 190 42.59 0.70 7.36
CA ALA A 190 41.98 -0.33 8.20
C ALA A 190 42.70 -1.66 8.03
N LYS A 191 42.96 -2.05 6.78
CA LYS A 191 43.65 -3.32 6.54
C LYS A 191 45.09 -3.29 7.02
N MET A 192 45.74 -2.12 6.97
CA MET A 192 47.07 -2.01 7.55
CA MET A 192 47.07 -2.01 7.55
C MET A 192 47.04 -2.32 9.04
N ILE A 193 46.05 -1.78 9.76
CA ILE A 193 45.94 -2.03 11.19
C ILE A 193 45.81 -3.52 11.48
N LEU A 194 44.94 -4.20 10.73
CA LEU A 194 44.63 -5.59 11.02
C LEU A 194 45.78 -6.53 10.73
N LEU A 195 46.63 -6.19 9.78
CA LEU A 195 47.66 -7.10 9.31
C LEU A 195 49.07 -6.59 9.63
N SER A 196 49.21 -5.42 10.25
CA SER A 196 50.52 -4.83 10.44
C SER A 196 51.50 -5.80 11.11
N ASP A 197 51.02 -6.62 12.04
CA ASP A 197 51.90 -7.49 12.80
C ASP A 197 51.92 -8.88 12.18
N PRO A 198 53.00 -9.28 11.49
CA PRO A 198 52.96 -10.54 10.75
C PRO A 198 52.70 -11.76 11.62
N THR A 199 53.06 -11.71 12.91
CA THR A 199 53.00 -12.90 13.75
C THR A 199 51.58 -13.29 14.14
N ILE A 200 50.59 -12.42 13.94
CA ILE A 200 49.20 -12.73 14.25
C ILE A 200 48.54 -13.15 12.94
N THR A 201 48.20 -14.42 12.84
CA THR A 201 47.74 -15.00 11.59
C THR A 201 46.23 -15.16 11.61
N ILE A 202 45.68 -15.41 10.41
CA ILE A 202 44.28 -15.75 10.22
C ILE A 202 44.21 -17.25 10.03
N LYS A 203 43.46 -17.95 10.88
CA LYS A 203 43.36 -19.38 10.73
C LYS A 203 42.66 -19.70 9.40
N SER A 204 42.94 -20.88 8.87
CA SER A 204 42.34 -21.26 7.59
C SER A 204 40.81 -21.19 7.63
N TYR A 205 40.22 -21.52 8.77
CA TYR A 205 38.77 -21.60 8.92
C TYR A 205 38.18 -20.30 9.48
N HIS A 206 38.98 -19.23 9.51
CA HIS A 206 38.56 -17.92 10.02
C HIS A 206 38.66 -16.83 8.98
N LEU A 207 38.01 -15.70 9.30
CA LEU A 207 38.05 -14.51 8.47
C LEU A 207 38.98 -13.43 8.98
N TRP A 208 39.16 -13.33 10.31
CA TRP A 208 39.92 -12.24 10.91
C TRP A 208 41.13 -12.83 11.64
N PRO A 209 42.10 -12.01 12.02
CA PRO A 209 43.28 -12.54 12.73
C PRO A 209 42.96 -13.03 14.13
N SER A 210 43.86 -13.88 14.64
CA SER A 210 43.69 -14.54 15.93
C SER A 210 44.24 -13.69 17.09
N PHE A 211 43.65 -12.52 17.28
CA PHE A 211 44.12 -11.62 18.32
C PHE A 211 43.80 -12.16 19.70
N THR A 212 44.71 -11.92 20.64
CA THR A 212 44.39 -12.11 22.04
C THR A 212 43.41 -11.03 22.50
N ASP A 213 42.81 -11.27 23.67
CA ASP A 213 41.94 -10.26 24.25
C ASP A 213 42.62 -8.89 24.31
N GLU A 214 43.88 -8.85 24.73
CA GLU A 214 44.59 -7.58 24.85
C GLU A 214 44.83 -6.95 23.50
N GLN A 215 45.14 -7.76 22.49
CA GLN A 215 45.38 -7.23 21.15
C GLN A 215 44.09 -6.73 20.51
N TRP A 216 42.95 -7.36 20.80
CA TRP A 216 41.68 -6.83 20.31
C TRP A 216 41.40 -5.45 20.86
N ILE A 217 41.77 -5.20 22.12
CA ILE A 217 41.53 -3.88 22.69
C ILE A 217 42.35 -2.82 21.96
N THR A 218 43.62 -3.13 21.70
CA THR A 218 44.45 -2.21 20.93
C THR A 218 43.90 -2.01 19.51
N ILE A 219 43.58 -3.11 18.83
CA ILE A 219 43.03 -3.04 17.48
C ILE A 219 41.79 -2.17 17.45
N GLU A 220 40.86 -2.45 18.36
CA GLU A 220 39.63 -1.68 18.44
C GLU A 220 39.91 -0.20 18.66
N SER A 221 40.89 0.10 19.51
N SER A 221 40.88 0.11 19.53
CA SER A 221 41.26 1.50 19.72
CA SER A 221 41.26 1.50 19.72
C SER A 221 41.84 2.10 18.45
C SER A 221 41.81 2.10 18.43
N GLN A 222 42.63 1.34 17.70
CA GLN A 222 43.18 1.85 16.45
C GLN A 222 42.08 2.11 15.42
N MET A 223 41.03 1.29 15.40
CA MET A 223 39.94 1.51 14.45
C MET A 223 39.12 2.74 14.81
N ARG A 224 38.85 2.94 16.10
N ARG A 224 38.86 2.96 16.10
CA ARG A 224 38.15 4.16 16.51
CA ARG A 224 38.13 4.16 16.50
C ARG A 224 38.93 5.40 16.12
C ARG A 224 38.92 5.42 16.15
N ASP A 225 40.24 5.39 16.36
CA ASP A 225 41.07 6.52 15.97
CA ASP A 225 41.09 6.52 15.96
C ASP A 225 40.93 6.81 14.48
N LEU A 226 41.07 5.78 13.64
CA LEU A 226 40.97 5.93 12.20
C LEU A 226 39.65 6.57 11.82
N ILE A 227 38.55 6.11 12.43
CA ILE A 227 37.23 6.61 12.09
C ILE A 227 37.10 8.07 12.48
N LEU A 228 37.56 8.44 13.68
CA LEU A 228 37.48 9.81 14.12
C LEU A 228 38.30 10.73 13.22
N THR A 229 39.55 10.38 12.98
CA THR A 229 40.40 11.08 12.03
C THR A 229 39.68 11.33 10.71
N GLU A 230 39.42 10.26 9.96
CA GLU A 230 38.75 10.40 8.68
C GLU A 230 37.56 11.34 8.79
N TYR A 231 36.85 11.27 9.91
CA TYR A 231 35.75 12.20 10.14
C TYR A 231 36.27 13.61 10.32
N GLY A 232 37.52 13.77 10.75
CA GLY A 232 38.21 15.05 10.71
C GLY A 232 38.77 15.33 9.32
N ARG A 233 39.71 14.51 8.84
CA ARG A 233 40.23 14.62 7.49
C ARG A 233 39.12 14.88 6.48
N LYS A 234 37.90 14.44 6.80
CA LYS A 234 36.74 14.78 6.00
C LYS A 234 36.28 16.20 6.31
N TYR A 235 35.61 16.38 7.45
CA TYR A 235 35.05 17.67 7.83
C TYR A 235 36.10 18.67 8.30
N ASN A 236 37.38 18.30 8.29
CA ASN A 236 38.46 19.17 8.77
C ASN A 236 38.19 19.60 10.21
N VAL A 237 38.47 18.71 11.16
CA VAL A 237 38.34 19.01 12.58
C VAL A 237 39.43 18.29 13.37
N MET B 5 -42.38 10.11 -13.65
CA MET B 5 -41.87 10.91 -12.50
C MET B 5 -42.36 10.37 -11.15
N ASN B 6 -41.42 10.00 -10.27
CA ASN B 6 -41.80 9.37 -9.01
C ASN B 6 -41.60 10.33 -7.84
N THR B 7 -42.17 9.90 -6.70
CA THR B 7 -42.31 10.74 -5.52
C THR B 7 -41.90 9.97 -4.27
N VAL B 8 -41.14 10.59 -3.36
CA VAL B 8 -40.83 10.02 -2.04
C VAL B 8 -41.51 10.97 -1.05
N PRO B 9 -42.74 10.71 -0.60
CA PRO B 9 -43.43 11.61 0.31
C PRO B 9 -42.92 11.44 1.75
N PHE B 10 -43.19 12.41 2.62
CA PHE B 10 -42.71 12.46 4.01
C PHE B 10 -43.90 12.60 4.96
N THR B 11 -43.91 11.87 6.07
CA THR B 11 -45.00 11.98 7.05
C THR B 11 -44.93 13.40 7.59
N SER B 12 -43.81 13.89 8.01
CA SER B 12 -43.72 15.27 8.54
C SER B 12 -42.25 15.63 8.60
N ALA B 13 -41.97 16.84 8.99
CA ALA B 13 -40.57 17.19 9.30
C ALA B 13 -40.46 17.78 10.70
N PRO B 14 -40.41 16.91 11.71
CA PRO B 14 -40.44 17.40 13.11
C PRO B 14 -39.14 18.02 13.61
N ILE B 15 -38.01 17.74 12.98
CA ILE B 15 -36.76 18.35 13.39
C ILE B 15 -36.10 19.02 12.21
N GLU B 16 -35.44 20.11 12.51
CA GLU B 16 -34.73 20.90 11.50
C GLU B 16 -33.58 20.10 10.91
N VAL B 17 -33.51 20.07 9.58
CA VAL B 17 -32.64 19.13 8.88
C VAL B 17 -32.32 19.70 7.51
N THR B 18 -31.09 19.46 7.06
CA THR B 18 -30.74 19.67 5.67
C THR B 18 -30.95 18.34 4.95
N ILE B 19 -31.78 18.34 3.92
CA ILE B 19 -32.14 17.15 3.17
C ILE B 19 -31.44 17.22 1.82
N GLY B 20 -30.80 16.13 1.46
CA GLY B 20 -30.18 16.02 0.14
C GLY B 20 -30.95 15.02 -0.71
N ILE B 21 -31.03 15.28 -2.01
CA ILE B 21 -31.53 14.30 -2.93
C ILE B 21 -30.54 14.32 -4.07
N ASP B 22 -29.82 13.22 -4.24
CA ASP B 22 -28.72 13.17 -5.18
C ASP B 22 -27.81 14.37 -4.89
N GLN B 23 -27.39 15.13 -5.88
CA GLN B 23 -26.45 16.24 -5.72
C GLN B 23 -27.13 17.53 -5.26
N TYR B 24 -28.42 17.52 -4.96
CA TYR B 24 -29.14 18.72 -4.54
C TYR B 24 -29.39 18.69 -3.04
N SER B 25 -29.63 19.87 -2.45
CA SER B 25 -29.90 19.92 -1.01
C SER B 25 -30.69 21.17 -0.68
N PHE B 26 -31.49 21.07 0.39
CA PHE B 26 -32.34 22.17 0.82
C PHE B 26 -32.56 22.03 2.31
N ASN B 27 -32.82 23.15 2.96
CA ASN B 27 -32.98 23.20 4.41
C ASN B 27 -34.46 23.18 4.73
N VAL B 28 -34.82 22.42 5.75
CA VAL B 28 -36.21 22.32 6.21
C VAL B 28 -36.22 22.74 7.67
N LYS B 29 -37.14 23.63 8.03
CA LYS B 29 -37.14 24.09 9.41
C LYS B 29 -37.94 23.14 10.31
N GLU B 30 -37.71 23.25 11.61
CA GLU B 30 -38.39 22.39 12.57
C GLU B 30 -39.90 22.61 12.48
N ASN B 31 -40.63 21.53 12.18
CA ASN B 31 -42.09 21.53 12.03
C ASN B 31 -42.57 22.33 10.82
N GLN B 32 -41.72 22.53 9.83
CA GLN B 32 -42.13 23.17 8.59
C GLN B 32 -43.05 22.22 7.82
N PRO B 33 -44.09 22.75 7.13
CA PRO B 33 -45.04 21.87 6.43
C PRO B 33 -44.49 21.23 5.17
N PHE B 34 -43.46 20.42 5.32
CA PHE B 34 -42.78 19.80 4.20
C PHE B 34 -43.27 18.36 4.06
N HIS B 35 -43.61 17.94 2.83
CA HIS B 35 -44.17 16.61 2.66
C HIS B 35 -43.54 15.80 1.55
N GLY B 36 -42.35 16.17 1.12
CA GLY B 36 -41.56 15.23 0.34
C GLY B 36 -41.08 15.82 -0.97
N ILE B 37 -40.63 14.92 -1.84
CA ILE B 37 -39.91 15.26 -3.07
C ILE B 37 -40.60 14.58 -4.24
N LYS B 38 -41.00 15.36 -5.23
CA LYS B 38 -41.69 14.84 -6.42
C LYS B 38 -40.81 15.02 -7.66
N ASP B 39 -41.30 14.48 -8.78
CA ASP B 39 -40.63 14.61 -10.08
C ASP B 39 -39.26 13.96 -10.10
N ILE B 40 -39.07 12.87 -9.37
CA ILE B 40 -37.77 12.20 -9.31
C ILE B 40 -37.60 11.36 -10.57
N PRO B 41 -36.51 11.54 -11.32
CA PRO B 41 -36.39 10.83 -12.59
C PRO B 41 -36.34 9.33 -12.44
N ILE B 42 -37.06 8.67 -13.29
CA ILE B 42 -37.09 7.22 -13.31
C ILE B 42 -35.97 6.77 -14.23
N GLY B 43 -35.35 5.66 -13.84
CA GLY B 43 -34.31 5.03 -14.62
C GLY B 43 -32.97 5.00 -13.93
N HIS B 44 -32.85 5.67 -12.77
CA HIS B 44 -31.59 5.77 -12.07
C HIS B 44 -31.84 5.36 -10.63
N VAL B 45 -30.76 4.98 -9.95
N VAL B 45 -30.78 4.90 -9.98
CA VAL B 45 -30.79 4.87 -8.49
CA VAL B 45 -30.83 4.91 -8.52
C VAL B 45 -30.56 6.25 -7.90
C VAL B 45 -30.82 6.35 -8.03
N HIS B 46 -31.20 6.53 -6.76
CA HIS B 46 -31.16 7.84 -6.16
C HIS B 46 -30.78 7.66 -4.69
N VAL B 47 -30.36 8.75 -4.09
CA VAL B 47 -30.05 8.74 -2.65
C VAL B 47 -30.72 9.94 -2.00
N ILE B 48 -31.38 9.70 -0.88
N ILE B 48 -31.43 9.70 -0.91
CA ILE B 48 -31.95 10.80 -0.12
CA ILE B 48 -31.99 10.78 -0.10
C ILE B 48 -31.24 10.78 1.23
C ILE B 48 -31.23 10.77 1.22
N HIS B 49 -30.73 11.94 1.61
CA HIS B 49 -29.78 11.99 2.74
C HIS B 49 -30.06 13.16 3.65
N PHE B 50 -29.56 13.05 4.89
CA PHE B 50 -29.99 13.90 5.97
C PHE B 50 -28.80 14.36 6.80
N GLN B 51 -28.84 15.62 7.20
CA GLN B 51 -27.92 16.10 8.24
C GLN B 51 -28.71 16.99 9.17
N HIS B 52 -28.81 16.60 10.43
CA HIS B 52 -29.64 17.36 11.35
C HIS B 52 -28.94 18.66 11.72
N ALA B 53 -29.75 19.69 11.99
CA ALA B 53 -29.18 21.00 12.24
C ALA B 53 -28.47 21.05 13.58
N ASP B 54 -28.86 20.20 14.52
CA ASP B 54 -28.29 20.24 15.86
C ASP B 54 -27.10 19.32 16.04
N ASN B 55 -26.94 18.31 15.18
CA ASN B 55 -25.79 17.40 15.23
C ASN B 55 -25.33 17.16 13.80
N SER B 56 -24.49 18.07 13.29
CA SER B 56 -23.90 17.85 11.98
C SER B 56 -23.10 16.56 11.93
N SER B 57 -22.90 15.91 13.08
CA SER B 57 -22.32 14.58 13.10
C SER B 57 -23.34 13.55 12.60
N MET B 58 -22.85 12.51 11.94
N MET B 58 -22.82 12.54 11.92
CA MET B 58 -23.71 11.52 11.32
CA MET B 58 -23.61 11.49 11.29
C MET B 58 -24.52 12.17 10.20
C MET B 58 -24.51 12.07 10.19
N ARG B 59 -23.96 12.21 8.99
CA ARG B 59 -24.79 12.28 7.80
C ARG B 59 -25.26 10.85 7.55
N TYR B 60 -26.52 10.70 7.11
CA TYR B 60 -27.06 9.36 6.87
C TYR B 60 -28.07 9.46 5.73
N GLY B 61 -28.34 8.34 5.08
CA GLY B 61 -29.28 8.41 3.95
C GLY B 61 -29.63 7.04 3.41
N TYR B 62 -30.40 7.05 2.32
CA TYR B 62 -30.99 5.83 1.79
C TYR B 62 -30.84 5.84 0.28
N TRP B 63 -30.29 4.74 -0.24
CA TRP B 63 -30.25 4.47 -1.68
C TRP B 63 -31.51 3.70 -2.06
N PHE B 64 -32.14 4.12 -3.17
CA PHE B 64 -33.42 3.53 -3.57
C PHE B 64 -33.60 3.71 -5.07
N ASP B 65 -34.55 2.95 -5.61
CA ASP B 65 -34.95 2.98 -7.01
C ASP B 65 -36.46 2.87 -6.98
N CYS B 66 -37.16 3.95 -7.41
CA CYS B 66 -38.61 4.01 -7.28
C CYS B 66 -39.32 2.96 -8.15
N ARG B 67 -38.61 2.31 -9.04
CA ARG B 67 -39.22 1.23 -9.81
C ARG B 67 -39.44 -0.01 -8.96
N MET B 68 -38.84 -0.08 -7.77
N MET B 68 -38.83 -0.07 -7.77
CA MET B 68 -38.88 -1.27 -6.94
CA MET B 68 -38.86 -1.26 -6.93
C MET B 68 -39.91 -1.20 -5.84
C MET B 68 -39.91 -1.20 -5.84
N GLY B 69 -40.63 -0.10 -5.71
CA GLY B 69 -41.65 0.01 -4.69
C GLY B 69 -42.00 1.46 -4.44
N ASN B 70 -43.00 1.65 -3.59
CA ASN B 70 -43.40 2.98 -3.13
C ASN B 70 -42.78 3.25 -1.76
N PHE B 71 -41.90 4.25 -1.66
CA PHE B 71 -41.14 4.51 -0.41
C PHE B 71 -41.55 5.87 0.15
N TYR B 72 -41.55 6.02 1.48
CA TYR B 72 -41.85 7.29 2.18
C TYR B 72 -40.88 7.44 3.35
N ILE B 73 -40.78 8.65 3.87
CA ILE B 73 -39.90 9.01 5.02
C ILE B 73 -40.77 9.40 6.22
N GLN B 74 -40.56 8.82 7.40
CA GLN B 74 -41.31 9.21 8.61
C GLN B 74 -40.23 9.39 9.68
N TYR B 75 -40.26 10.48 10.46
CA TYR B 75 -39.28 10.75 11.55
C TYR B 75 -39.60 9.85 12.74
N ASP B 76 -38.64 9.08 13.26
CA ASP B 76 -38.83 8.23 14.45
C ASP B 76 -38.25 8.97 15.66
N PRO B 77 -39.09 9.43 16.58
CA PRO B 77 -38.58 10.16 17.75
C PRO B 77 -37.85 9.29 18.76
N LYS B 78 -37.94 7.96 18.64
CA LYS B 78 -37.20 7.10 19.57
C LYS B 78 -35.77 6.93 19.09
N ASP B 79 -35.60 6.46 17.84
CA ASP B 79 -34.29 6.33 17.26
C ASP B 79 -33.71 7.65 16.74
N GLY B 80 -34.52 8.70 16.66
CA GLY B 80 -33.97 10.02 16.40
C GLY B 80 -33.49 10.21 14.97
N LEU B 81 -34.19 9.65 13.99
CA LEU B 81 -33.77 9.87 12.61
C LEU B 81 -34.94 9.75 11.69
N TYR B 82 -34.76 10.31 10.49
CA TYR B 82 -35.70 10.11 9.41
C TYR B 82 -35.49 8.73 8.79
N LYS B 83 -36.54 7.91 8.78
CA LYS B 83 -36.44 6.54 8.31
C LYS B 83 -37.18 6.38 6.98
N MET B 84 -36.58 5.64 6.07
CA MET B 84 -37.29 5.26 4.86
C MET B 84 -38.09 3.99 5.15
N MET B 85 -39.28 3.92 4.60
CA MET B 85 -40.19 2.78 4.73
C MET B 85 -40.86 2.52 3.39
N GLU B 86 -41.34 1.30 3.19
CA GLU B 86 -42.09 0.91 1.99
C GLU B 86 -43.57 0.86 2.38
N GLU B 87 -44.47 1.37 1.53
CA GLU B 87 -45.93 1.31 1.72
C GLU B 87 -46.40 0.25 0.71
N ARG B 88 -47.08 -0.81 1.14
CA ARG B 88 -47.50 -1.91 0.23
C ARG B 88 -48.88 -1.60 -0.36
N ASP B 89 -49.64 -0.67 0.23
CA ASP B 89 -50.96 -0.30 -0.29
C ASP B 89 -50.80 0.81 -1.32
N GLY B 90 -50.81 0.43 -2.60
CA GLY B 90 -50.55 1.39 -3.66
C GLY B 90 -51.60 2.48 -3.76
N ALA B 91 -52.85 2.13 -3.50
CA ALA B 91 -53.98 3.08 -3.59
C ALA B 91 -53.80 4.16 -2.53
N LYS B 92 -53.48 3.75 -1.30
CA LYS B 92 -53.30 4.67 -0.16
C LYS B 92 -52.14 5.62 -0.46
N PHE B 93 -51.04 5.10 -0.98
CA PHE B 93 -49.81 5.87 -1.28
C PHE B 93 -50.03 6.90 -2.39
N GLU B 94 -50.67 6.48 -3.47
CA GLU B 94 -50.93 7.35 -4.66
C GLU B 94 -51.86 8.46 -4.20
N ASN B 95 -52.84 8.13 -3.38
CA ASN B 95 -53.82 9.08 -2.82
C ASN B 95 -53.13 10.09 -1.89
N ILE B 96 -52.23 9.62 -1.03
CA ILE B 96 -51.51 10.50 -0.08
C ILE B 96 -50.69 11.48 -0.91
N VAL B 97 -49.99 10.95 -1.91
CA VAL B 97 -49.10 11.73 -2.79
C VAL B 97 -49.92 12.73 -3.58
N HIS B 98 -51.08 12.33 -4.11
CA HIS B 98 -51.91 13.27 -4.86
C HIS B 98 -52.39 14.42 -3.97
N ASN B 99 -52.78 14.11 -2.73
CA ASN B 99 -53.26 15.11 -1.73
C ASN B 99 -52.10 16.08 -1.49
N PHE B 100 -50.89 15.58 -1.24
CA PHE B 100 -49.71 16.44 -0.94
C PHE B 100 -49.40 17.30 -2.15
N LYS B 101 -49.47 16.72 -3.35
CA LYS B 101 -49.18 17.41 -4.63
C LYS B 101 -50.20 18.53 -4.84
N GLU B 102 -51.46 18.30 -4.55
CA GLU B 102 -52.52 19.28 -4.71
C GLU B 102 -52.32 20.46 -3.78
N ARG B 103 -51.86 20.20 -2.56
CA ARG B 103 -51.59 21.25 -1.60
C ARG B 103 -50.21 21.89 -1.77
N GLN B 104 -49.44 21.46 -2.77
CA GLN B 104 -48.12 22.02 -3.08
C GLN B 104 -47.21 22.01 -1.86
N MET B 105 -47.19 20.86 -1.19
CA MET B 105 -46.36 20.63 -0.03
C MET B 105 -45.08 19.87 -0.35
N MET B 106 -44.74 19.73 -1.62
CA MET B 106 -43.55 18.97 -2.01
C MET B 106 -42.60 19.85 -2.82
N VAL B 107 -41.30 19.59 -2.67
CA VAL B 107 -40.30 20.19 -3.55
C VAL B 107 -40.16 19.32 -4.79
N SER B 108 -39.74 19.93 -5.90
CA SER B 108 -39.59 19.23 -7.15
C SER B 108 -38.12 18.94 -7.42
N TYR B 109 -37.82 17.71 -7.85
CA TYR B 109 -36.44 17.36 -8.10
C TYR B 109 -35.97 18.31 -9.18
N PRO B 110 -34.97 19.12 -8.93
CA PRO B 110 -34.75 20.30 -9.76
C PRO B 110 -33.76 20.04 -10.88
N LYS B 111 -34.11 19.10 -11.75
CA LYS B 111 -33.19 18.71 -12.81
C LYS B 111 -33.27 19.70 -13.97
N ILE B 112 -32.12 20.28 -14.30
CA ILE B 112 -31.96 21.03 -15.55
C ILE B 112 -31.94 20.05 -16.71
N ASP B 113 -32.58 20.42 -17.81
CA ASP B 113 -32.74 19.48 -18.92
C ASP B 113 -31.39 19.16 -19.57
N GLU B 114 -30.55 20.18 -19.79
CA GLU B 114 -29.21 19.98 -20.33
C GLU B 114 -28.32 19.10 -19.45
N ASP B 115 -28.71 18.88 -18.20
CA ASP B 115 -27.80 18.37 -17.20
C ASP B 115 -27.80 16.84 -17.17
N ASP B 116 -26.63 16.23 -17.38
CA ASP B 116 -26.48 14.78 -17.29
C ASP B 116 -25.64 14.37 -16.07
N THR B 117 -25.45 15.28 -15.11
CA THR B 117 -24.55 14.97 -13.99
C THR B 117 -24.92 13.67 -13.28
N TRP B 118 -26.19 13.53 -12.87
CA TRP B 118 -26.53 12.36 -12.06
C TRP B 118 -26.38 11.08 -12.86
N TYR B 119 -26.84 11.07 -14.12
CA TYR B 119 -26.62 9.90 -14.98
C TYR B 119 -25.13 9.56 -15.03
N ASN B 120 -24.28 10.57 -15.19
CA ASN B 120 -22.87 10.31 -15.38
C ASN B 120 -22.25 9.77 -14.09
N LEU B 121 -22.78 10.16 -12.94
CA LEU B 121 -22.23 9.66 -11.68
C LEU B 121 -22.77 8.29 -11.29
N THR B 122 -23.88 7.85 -11.88
CA THR B 122 -24.54 6.59 -11.52
C THR B 122 -24.67 5.64 -12.68
N GLU B 123 -23.99 5.91 -13.80
CA GLU B 123 -24.15 5.14 -15.03
C GLU B 123 -24.18 3.64 -14.81
N PHE B 124 -23.24 3.10 -14.01
CA PHE B 124 -23.12 1.68 -13.79
C PHE B 124 -23.64 1.18 -12.46
N VAL B 125 -24.25 2.05 -11.66
CA VAL B 125 -24.70 1.71 -10.32
C VAL B 125 -26.09 1.10 -10.43
N GLN B 126 -26.25 -0.09 -9.86
N GLN B 126 -26.23 -0.12 -9.88
CA GLN B 126 -27.50 -0.84 -9.93
CA GLN B 126 -27.47 -0.87 -9.91
C GLN B 126 -27.96 -1.18 -8.53
C GLN B 126 -27.94 -1.11 -8.49
N MET B 127 -29.25 -0.94 -8.26
CA MET B 127 -29.78 -1.19 -6.93
C MET B 127 -29.50 -2.62 -6.47
N ASP B 128 -29.53 -3.59 -7.38
CA ASP B 128 -29.30 -4.96 -6.90
C ASP B 128 -27.88 -5.13 -6.41
N LYS B 129 -26.90 -4.44 -7.01
CA LYS B 129 -25.54 -4.57 -6.49
C LYS B 129 -25.37 -3.80 -5.19
N ILE B 130 -26.05 -2.65 -5.05
CA ILE B 130 -25.98 -1.92 -3.79
C ILE B 130 -26.43 -2.84 -2.64
N ARG B 131 -27.49 -3.62 -2.89
CA ARG B 131 -28.06 -4.44 -1.83
C ARG B 131 -27.16 -5.60 -1.43
N LYS B 132 -26.16 -5.93 -2.26
CA LYS B 132 -25.15 -6.91 -1.85
C LYS B 132 -24.00 -6.28 -1.08
N ILE B 133 -23.68 -5.02 -1.34
CA ILE B 133 -22.70 -4.31 -0.51
C ILE B 133 -23.31 -3.96 0.85
N VAL B 134 -24.58 -3.52 0.88
CA VAL B 134 -25.28 -3.12 2.10
C VAL B 134 -26.36 -4.18 2.36
N ARG B 135 -26.12 -5.12 3.27
CA ARG B 135 -26.98 -6.30 3.38
C ARG B 135 -28.07 -6.06 4.42
N LYS B 136 -29.30 -5.81 3.94
CA LYS B 136 -30.49 -5.74 4.81
C LYS B 136 -31.66 -6.19 3.95
N ASP B 137 -31.75 -7.52 3.79
CA ASP B 137 -32.58 -8.11 2.74
C ASP B 137 -34.06 -7.82 2.90
N GLU B 138 -34.53 -7.48 4.10
CA GLU B 138 -35.96 -7.25 4.28
C GLU B 138 -36.43 -5.93 3.70
N ASN B 139 -35.52 -5.02 3.36
CA ASN B 139 -35.87 -3.76 2.70
C ASN B 139 -35.36 -3.73 1.27
N GLN B 140 -36.07 -2.99 0.42
CA GLN B 140 -35.68 -2.80 -0.98
C GLN B 140 -34.75 -1.60 -1.17
N PHE B 141 -34.51 -0.84 -0.11
CA PHE B 141 -33.64 0.33 -0.15
C PHE B 141 -32.53 0.08 0.85
N SER B 142 -31.46 0.92 0.80
CA SER B 142 -30.24 0.66 1.57
C SER B 142 -29.78 1.89 2.35
N TYR B 143 -29.60 1.71 3.67
CA TYR B 143 -29.12 2.76 4.56
C TYR B 143 -27.60 2.77 4.62
N VAL B 144 -27.04 3.99 4.54
CA VAL B 144 -25.61 4.22 4.68
C VAL B 144 -25.43 5.47 5.54
N ASP B 145 -24.36 5.47 6.36
CA ASP B 145 -24.03 6.66 7.13
C ASP B 145 -22.51 6.85 7.23
N SER B 146 -22.16 7.99 7.83
CA SER B 146 -20.76 8.42 7.89
C SER B 146 -19.87 7.41 8.60
N SER B 147 -20.43 6.67 9.55
CA SER B 147 -19.60 5.87 10.46
C SER B 147 -19.43 4.41 10.05
N MET B 148 -20.26 3.89 9.14
CA MET B 148 -20.20 2.48 8.79
C MET B 148 -18.82 2.14 8.26
N THR B 149 -18.25 1.07 8.80
CA THR B 149 -16.95 0.60 8.34
C THR B 149 -17.10 -0.50 7.30
N THR B 150 -16.02 -0.72 6.55
CA THR B 150 -16.02 -1.70 5.49
C THR B 150 -15.51 -3.03 6.02
N VAL B 151 -15.87 -4.11 5.32
CA VAL B 151 -15.32 -5.43 5.62
C VAL B 151 -13.80 -5.35 5.76
N GLN B 152 -13.13 -4.69 4.82
CA GLN B 152 -11.67 -4.64 4.88
C GLN B 152 -11.20 -3.91 6.13
N GLU B 153 -11.86 -2.79 6.48
CA GLU B 153 -11.51 -2.08 7.70
C GLU B 153 -11.68 -2.98 8.91
N ASN B 154 -12.74 -3.80 8.92
CA ASN B 154 -13.02 -4.65 10.08
C ASN B 154 -11.93 -5.71 10.27
N GLU B 155 -11.32 -6.17 9.18
CA GLU B 155 -10.32 -7.23 9.27
C GLU B 155 -9.03 -6.75 9.93
N LEU B 156 -8.76 -5.44 9.92
CA LEU B 156 -7.52 -4.90 10.44
C LEU B 156 -7.73 -4.29 11.82
N SER B 161 -17.30 -3.25 14.60
CA SER B 161 -16.99 -4.67 14.57
C SER B 161 -18.27 -5.49 14.45
N ASP B 162 -19.39 -4.82 14.14
CA ASP B 162 -20.68 -5.49 13.99
C ASP B 162 -20.88 -5.84 12.52
N PRO B 163 -20.87 -7.13 12.14
CA PRO B 163 -20.95 -7.46 10.71
C PRO B 163 -22.22 -6.99 10.02
N ALA B 164 -23.36 -6.96 10.73
CA ALA B 164 -24.63 -6.64 10.09
C ALA B 164 -24.68 -5.21 9.56
N HIS B 165 -23.75 -4.36 9.98
CA HIS B 165 -23.77 -2.94 9.68
C HIS B 165 -22.55 -2.51 8.85
N SER B 166 -21.96 -3.43 8.12
CA SER B 166 -20.73 -3.18 7.39
C SER B 166 -21.00 -2.92 5.90
N LEU B 167 -20.03 -2.26 5.26
CA LEU B 167 -20.04 -2.08 3.81
C LEU B 167 -19.21 -3.20 3.17
N ASN B 168 -19.89 -4.16 2.53
N ASN B 168 -19.91 -4.12 2.50
CA ASN B 168 -19.25 -5.34 1.97
CA ASN B 168 -19.32 -5.33 1.92
C ASN B 168 -18.73 -5.08 0.56
C ASN B 168 -18.74 -5.07 0.54
N TYR B 169 -17.83 -4.10 0.47
CA TYR B 169 -17.13 -3.84 -0.77
C TYR B 169 -16.15 -4.98 -1.05
N THR B 170 -15.78 -5.13 -2.30
CA THR B 170 -14.83 -6.17 -2.69
C THR B 170 -13.44 -5.81 -2.18
N VAL B 171 -12.81 -6.74 -1.45
CA VAL B 171 -11.53 -6.47 -0.82
C VAL B 171 -10.43 -6.47 -1.86
N ILE B 172 -9.66 -5.39 -1.89
CA ILE B 172 -8.53 -5.22 -2.78
C ILE B 172 -7.31 -5.01 -1.91
N ASN B 173 -6.27 -5.81 -2.14
CA ASN B 173 -5.07 -5.71 -1.31
C ASN B 173 -3.87 -6.06 -2.19
N PHE B 174 -3.02 -5.09 -2.48
CA PHE B 174 -1.95 -5.27 -3.46
C PHE B 174 -0.85 -6.19 -2.97
N LYS B 175 -0.78 -6.44 -1.67
CA LYS B 175 0.26 -7.33 -1.09
C LYS B 175 -0.44 -8.50 -0.44
N SER B 176 -1.05 -9.33 -1.29
CA SER B 176 -1.84 -10.46 -0.85
C SER B 176 -1.65 -11.60 -1.83
N ARG B 177 -1.86 -12.83 -1.37
CA ARG B 177 -1.75 -13.94 -2.29
C ARG B 177 -2.77 -13.84 -3.42
N GLU B 178 -3.94 -13.26 -3.17
CA GLU B 178 -4.91 -13.09 -4.24
C GLU B 178 -4.33 -12.22 -5.35
N ALA B 179 -3.52 -11.22 -4.98
CA ALA B 179 -2.98 -10.29 -5.97
C ALA B 179 -1.70 -10.75 -6.65
N ILE B 180 -1.00 -11.75 -6.08
CA ILE B 180 0.36 -12.10 -6.47
C ILE B 180 0.44 -13.60 -6.76
N ARG B 181 0.68 -13.95 -8.01
CA ARG B 181 0.86 -15.34 -8.38
C ARG B 181 2.21 -15.84 -7.89
N PRO B 182 2.28 -16.98 -7.20
CA PRO B 182 3.57 -17.55 -6.85
C PRO B 182 4.44 -17.68 -8.08
N GLY B 183 5.67 -17.20 -7.99
CA GLY B 183 6.56 -17.18 -9.13
C GLY B 183 6.49 -15.96 -10.02
N HIS B 184 5.47 -15.12 -9.85
CA HIS B 184 5.35 -13.88 -10.61
C HIS B 184 5.37 -12.69 -9.68
N GLU B 185 6.06 -12.81 -8.55
CA GLU B 185 6.04 -11.78 -7.53
C GLU B 185 6.34 -10.40 -8.09
N MET B 186 7.52 -10.20 -8.69
CA MET B 186 7.85 -8.87 -9.17
C MET B 186 6.91 -8.45 -10.29
N GLU B 187 6.67 -9.38 -11.23
CA GLU B 187 5.80 -9.09 -12.36
C GLU B 187 4.45 -8.60 -11.89
N ASP B 188 3.79 -9.38 -11.02
CA ASP B 188 2.43 -9.05 -10.64
C ASP B 188 2.35 -7.82 -9.73
N PHE B 189 3.39 -7.54 -8.94
CA PHE B 189 3.37 -6.38 -8.05
C PHE B 189 3.56 -5.08 -8.84
N LEU B 190 4.40 -5.12 -9.87
CA LEU B 190 4.70 -3.93 -10.65
C LEU B 190 3.70 -3.71 -11.78
N ASP B 191 3.04 -4.76 -12.25
CA ASP B 191 2.01 -4.69 -13.30
C ASP B 191 0.82 -5.51 -12.81
N LYS B 192 -0.24 -4.83 -12.36
CA LYS B 192 -1.34 -5.53 -11.72
C LYS B 192 -2.38 -6.07 -12.70
N SER B 193 -2.02 -6.21 -13.98
CA SER B 193 -3.01 -6.59 -15.00
C SER B 193 -3.65 -7.95 -14.73
N TYR B 194 -2.89 -8.93 -14.24
N TYR B 194 -2.85 -8.93 -14.28
N TYR B 194 -2.87 -8.93 -14.25
CA TYR B 194 -3.50 -10.22 -13.97
CA TYR B 194 -3.40 -10.23 -13.89
CA TYR B 194 -3.45 -10.22 -13.93
C TYR B 194 -4.51 -10.11 -12.82
C TYR B 194 -4.50 -10.07 -12.84
C TYR B 194 -4.51 -10.09 -12.83
N TYR B 195 -4.18 -9.35 -11.78
CA TYR B 195 -5.12 -9.16 -10.67
C TYR B 195 -6.37 -8.42 -11.14
N LEU B 196 -6.19 -7.43 -12.01
CA LEU B 196 -7.35 -6.69 -12.54
C LEU B 196 -8.17 -7.56 -13.45
N ASN B 197 -7.54 -8.14 -14.48
CA ASN B 197 -8.30 -8.74 -15.58
C ASN B 197 -8.76 -10.17 -15.29
N THR B 198 -7.93 -10.98 -14.62
CA THR B 198 -8.32 -12.35 -14.32
C THR B 198 -9.02 -12.48 -12.98
N VAL B 199 -8.38 -11.96 -11.91
CA VAL B 199 -8.91 -12.14 -10.57
C VAL B 199 -10.20 -11.33 -10.40
N MET B 200 -10.15 -10.05 -10.73
CA MET B 200 -11.26 -9.18 -10.37
C MET B 200 -12.32 -9.12 -11.46
N LEU B 201 -11.92 -8.81 -12.71
CA LEU B 201 -12.90 -8.65 -13.78
C LEU B 201 -13.50 -9.99 -14.20
N GLN B 202 -12.66 -10.96 -14.55
N GLN B 202 -12.66 -10.96 -14.55
CA GLN B 202 -13.18 -12.25 -14.98
CA GLN B 202 -13.18 -12.26 -14.98
C GLN B 202 -13.73 -13.05 -13.80
C GLN B 202 -13.73 -13.04 -13.80
N GLY B 203 -13.00 -13.05 -12.68
CA GLY B 203 -13.38 -13.86 -11.54
C GLY B 203 -14.49 -13.34 -10.64
N ILE B 204 -14.32 -12.13 -10.12
CA ILE B 204 -15.18 -11.62 -9.05
C ILE B 204 -16.30 -10.74 -9.58
N PHE B 205 -15.95 -9.72 -10.37
CA PHE B 205 -16.97 -8.77 -10.81
C PHE B 205 -17.74 -9.29 -12.00
N LYS B 206 -17.09 -10.14 -12.82
CA LYS B 206 -17.66 -10.72 -14.02
C LYS B 206 -17.55 -9.82 -15.25
N ASN B 207 -17.71 -8.51 -15.10
CA ASN B 207 -17.58 -7.58 -16.21
C ASN B 207 -17.19 -6.19 -15.69
N SER B 208 -16.77 -5.32 -16.60
CA SER B 208 -16.30 -4.00 -16.16
C SER B 208 -17.44 -3.12 -15.70
N SER B 209 -18.66 -3.34 -16.21
CA SER B 209 -19.78 -2.55 -15.70
C SER B 209 -19.97 -2.72 -14.19
N ASN B 210 -19.89 -3.96 -13.67
CA ASN B 210 -20.05 -4.16 -12.24
C ASN B 210 -18.89 -3.55 -11.45
N TYR B 211 -17.67 -3.60 -12.02
CA TYR B 211 -16.52 -2.96 -11.35
C TYR B 211 -16.74 -1.44 -11.27
N PHE B 212 -17.11 -0.83 -12.41
CA PHE B 212 -17.38 0.60 -12.39
C PHE B 212 -18.56 0.95 -11.49
N GLY B 213 -19.55 0.08 -11.39
CA GLY B 213 -20.67 0.38 -10.51
C GLY B 213 -20.26 0.49 -9.06
N GLU B 214 -19.40 -0.43 -8.61
CA GLU B 214 -18.93 -0.39 -7.22
C GLU B 214 -18.02 0.80 -7.00
N LEU B 215 -17.17 1.11 -7.98
CA LEU B 215 -16.30 2.28 -7.90
C LEU B 215 -17.14 3.55 -7.76
N GLN B 216 -18.21 3.66 -8.57
CA GLN B 216 -19.04 4.85 -8.52
C GLN B 216 -19.83 4.95 -7.21
N PHE B 217 -20.33 3.82 -6.71
CA PHE B 217 -21.03 3.79 -5.44
C PHE B 217 -20.10 4.15 -4.28
N ALA B 218 -18.88 3.64 -4.31
CA ALA B 218 -17.93 4.00 -3.26
C ALA B 218 -17.66 5.51 -3.26
N PHE B 219 -17.44 6.10 -4.44
CA PHE B 219 -17.21 7.53 -4.46
C PHE B 219 -18.41 8.28 -3.88
N LEU B 220 -19.63 7.89 -4.28
CA LEU B 220 -20.80 8.65 -3.86
C LEU B 220 -20.98 8.57 -2.35
N ASN B 221 -20.70 7.41 -1.76
CA ASN B 221 -20.78 7.31 -0.29
CA ASN B 221 -20.77 7.29 -0.29
C ASN B 221 -19.72 8.16 0.39
N ALA B 222 -18.51 8.23 -0.21
CA ALA B 222 -17.49 9.11 0.33
C ALA B 222 -17.93 10.57 0.27
N MET B 223 -18.51 10.98 -0.86
CA MET B 223 -18.84 12.37 -1.05
C MET B 223 -20.05 12.76 -0.22
N PHE B 224 -21.10 11.95 -0.22
CA PHE B 224 -22.30 12.36 0.47
C PHE B 224 -22.25 12.16 1.97
N PHE B 225 -21.53 11.14 2.45
CA PHE B 225 -21.55 10.84 3.88
C PHE B 225 -20.19 11.01 4.55
N GLY B 226 -19.16 11.39 3.81
CA GLY B 226 -17.82 11.42 4.43
C GLY B 226 -17.39 10.07 4.91
N ASN B 227 -17.81 9.01 4.24
CA ASN B 227 -17.53 7.66 4.68
C ASN B 227 -16.12 7.31 4.26
N TYR B 228 -15.24 7.17 5.27
CA TYR B 228 -13.82 7.09 5.01
C TYR B 228 -13.47 5.78 4.31
N GLY B 229 -14.08 4.68 4.72
CA GLY B 229 -13.76 3.42 4.08
C GLY B 229 -14.21 3.34 2.65
N SER B 230 -15.26 4.08 2.31
CA SER B 230 -15.66 4.18 0.91
C SER B 230 -14.65 4.97 0.10
N SER B 231 -14.10 6.05 0.68
CA SER B 231 -13.03 6.76 -0.01
C SER B 231 -11.84 5.84 -0.26
N LEU B 232 -11.48 5.02 0.72
CA LEU B 232 -10.38 4.07 0.51
C LEU B 232 -10.69 3.13 -0.64
N GLN B 233 -11.92 2.62 -0.69
CA GLN B 233 -12.29 1.68 -1.74
C GLN B 233 -12.22 2.34 -3.12
N TRP B 234 -12.76 3.56 -3.25
CA TRP B 234 -12.74 4.28 -4.53
C TRP B 234 -11.32 4.42 -5.04
N HIS B 235 -10.40 4.87 -4.16
CA HIS B 235 -9.03 5.06 -4.62
C HIS B 235 -8.38 3.74 -4.95
N ALA B 236 -8.67 2.67 -4.19
CA ALA B 236 -8.05 1.38 -4.50
C ALA B 236 -8.50 0.89 -5.86
N MET B 237 -9.78 1.09 -6.18
CA MET B 237 -10.25 0.62 -7.48
C MET B 237 -9.70 1.44 -8.63
N ILE B 238 -9.43 2.73 -8.41
CA ILE B 238 -8.73 3.54 -9.40
C ILE B 238 -7.30 3.06 -9.55
N GLU B 239 -6.63 2.88 -8.41
CA GLU B 239 -5.22 2.52 -8.46
C GLU B 239 -5.03 1.18 -9.15
N LEU B 240 -5.94 0.23 -8.94
CA LEU B 240 -5.78 -1.07 -9.60
C LEU B 240 -5.78 -0.94 -11.11
N ILE B 241 -6.66 -0.10 -11.68
CA ILE B 241 -6.64 0.09 -13.12
C ILE B 241 -5.39 0.84 -13.57
N CYS B 242 -5.05 1.93 -12.90
CA CYS B 242 -3.93 2.76 -13.36
C CYS B 242 -2.61 2.00 -13.28
N SER B 243 -2.52 1.03 -12.38
CA SER B 243 -1.31 0.24 -12.16
C SER B 243 -1.27 -1.04 -12.98
N SER B 244 -2.18 -1.20 -13.93
CA SER B 244 -2.21 -2.32 -14.85
C SER B 244 -1.71 -1.81 -16.21
N ALA B 245 -0.72 -2.51 -16.77
CA ALA B 245 -0.24 -2.16 -18.09
C ALA B 245 -1.22 -2.54 -19.18
N THR B 246 -2.09 -3.51 -18.93
CA THR B 246 -2.97 -4.04 -19.98
C THR B 246 -4.40 -3.87 -19.53
N VAL B 247 -5.10 -2.90 -20.11
CA VAL B 247 -6.48 -2.60 -19.80
C VAL B 247 -7.23 -2.43 -21.11
N PRO B 248 -8.38 -3.08 -21.28
CA PRO B 248 -9.21 -2.82 -22.46
C PRO B 248 -9.41 -1.34 -22.71
N LYS B 249 -9.28 -0.94 -23.98
CA LYS B 249 -9.32 0.48 -24.32
C LYS B 249 -10.67 1.08 -23.96
N HIS B 250 -11.75 0.31 -24.08
CA HIS B 250 -13.06 0.84 -23.73
C HIS B 250 -13.15 1.14 -22.25
N MET B 251 -12.41 0.37 -21.43
CA MET B 251 -12.47 0.65 -20.01
C MET B 251 -11.71 1.92 -19.67
N LEU B 252 -10.55 2.15 -20.31
CA LEU B 252 -9.78 3.36 -20.03
C LEU B 252 -10.56 4.60 -20.43
N ASP B 253 -11.22 4.54 -21.58
CA ASP B 253 -12.02 5.69 -22.01
C ASP B 253 -13.19 5.94 -21.09
N LYS B 254 -13.87 4.88 -20.65
CA LYS B 254 -14.96 5.05 -19.71
C LYS B 254 -14.44 5.54 -18.36
N LEU B 255 -13.31 5.00 -17.87
CA LEU B 255 -12.81 5.50 -16.58
C LEU B 255 -12.55 6.99 -16.65
N ASP B 256 -11.97 7.46 -17.76
CA ASP B 256 -11.70 8.89 -17.83
C ASP B 256 -12.96 9.71 -17.67
N GLU B 257 -14.07 9.27 -18.28
CA GLU B 257 -15.36 9.99 -18.13
C GLU B 257 -15.89 9.89 -16.72
N ILE B 258 -15.80 8.70 -16.12
CA ILE B 258 -16.30 8.49 -14.77
C ILE B 258 -15.59 9.44 -13.81
N LEU B 259 -14.27 9.43 -13.85
CA LEU B 259 -13.50 10.24 -12.92
C LEU B 259 -13.68 11.71 -13.18
N TYR B 260 -13.80 12.10 -14.47
CA TYR B 260 -14.03 13.51 -14.77
C TYR B 260 -15.27 14.04 -14.08
N TYR B 261 -16.37 13.30 -14.14
CA TYR B 261 -17.59 13.81 -13.53
C TYR B 261 -17.51 13.75 -12.00
N GLN B 262 -16.74 12.80 -11.46
CA GLN B 262 -16.58 12.75 -10.02
C GLN B 262 -15.79 13.95 -9.53
N ILE B 263 -14.69 14.26 -10.20
CA ILE B 263 -13.89 15.43 -9.82
C ILE B 263 -14.71 16.70 -10.05
N LYS B 264 -15.50 16.75 -11.13
CA LYS B 264 -16.33 17.91 -11.39
C LYS B 264 -17.32 18.17 -10.26
N THR B 265 -17.90 17.12 -9.70
CA THR B 265 -18.97 17.27 -8.72
C THR B 265 -18.46 17.47 -7.30
N LEU B 266 -17.23 17.06 -7.01
CA LEU B 266 -16.71 17.15 -5.64
C LEU B 266 -16.75 18.58 -5.15
N PRO B 267 -17.26 18.84 -3.93
CA PRO B 267 -17.17 20.20 -3.38
C PRO B 267 -15.72 20.60 -3.23
N GLU B 268 -15.40 21.82 -3.68
CA GLU B 268 -14.02 22.28 -3.67
C GLU B 268 -13.46 22.26 -2.26
N GLN B 269 -14.30 22.57 -1.27
CA GLN B 269 -13.83 22.66 0.11
C GLN B 269 -13.49 21.30 0.72
N TYR B 270 -13.83 20.19 0.05
CA TYR B 270 -13.58 18.86 0.58
C TYR B 270 -12.46 18.15 -0.16
N SER B 271 -11.89 18.76 -1.20
CA SER B 271 -10.86 18.09 -1.96
C SER B 271 -9.65 17.77 -1.10
N ASP B 272 -9.43 18.57 -0.04
CA ASP B 272 -8.34 18.32 0.89
C ASP B 272 -8.42 16.92 1.49
N ILE B 273 -9.61 16.49 1.91
CA ILE B 273 -9.79 15.25 2.65
C ILE B 273 -10.17 14.09 1.74
N LEU B 274 -10.92 14.37 0.66
CA LEU B 274 -11.47 13.31 -0.18
C LEU B 274 -10.54 12.87 -1.30
N LEU B 275 -9.38 13.49 -1.47
CA LEU B 275 -8.49 13.15 -2.57
C LEU B 275 -7.13 12.75 -2.01
N ASN B 276 -6.75 11.51 -2.24
CA ASN B 276 -5.46 10.99 -1.79
C ASN B 276 -4.37 11.43 -2.76
N GLU B 277 -3.45 12.25 -2.27
CA GLU B 277 -2.38 12.82 -3.10
C GLU B 277 -1.57 11.73 -3.80
N ARG B 278 -1.18 10.69 -3.06
CA ARG B 278 -0.30 9.68 -3.63
C ARG B 278 -0.97 8.96 -4.80
N VAL B 279 -2.22 8.53 -4.61
CA VAL B 279 -2.90 7.80 -5.68
C VAL B 279 -3.01 8.66 -6.93
N TRP B 280 -3.46 9.90 -6.77
CA TRP B 280 -3.74 10.72 -7.96
C TRP B 280 -2.45 11.09 -8.70
N ASN B 281 -1.40 11.46 -7.96
CA ASN B 281 -0.14 11.76 -8.63
C ASN B 281 0.42 10.51 -9.31
N ILE B 282 0.41 9.38 -8.61
CA ILE B 282 0.81 8.13 -9.24
C ILE B 282 -0.03 7.87 -10.49
N CYS B 283 -1.36 8.04 -10.37
CA CYS B 283 -2.24 7.63 -11.46
C CYS B 283 -2.12 8.54 -12.68
N LEU B 284 -2.00 9.86 -12.47
CA LEU B 284 -1.94 10.80 -13.59
C LEU B 284 -0.54 11.00 -14.15
N TYR B 285 0.52 10.69 -13.40
CA TYR B 285 1.86 11.11 -13.79
C TYR B 285 2.92 10.01 -13.77
N SER B 286 2.72 8.91 -13.06
CA SER B 286 3.71 7.84 -13.05
C SER B 286 3.20 6.51 -13.59
N SER B 287 1.90 6.24 -13.53
CA SER B 287 1.38 4.91 -13.79
C SER B 287 1.42 4.60 -15.28
N PHE B 288 1.13 3.34 -15.61
CA PHE B 288 1.04 2.93 -17.00
C PHE B 288 0.03 3.76 -17.76
N GLN B 289 -0.97 4.27 -17.06
CA GLN B 289 -2.09 4.96 -17.67
C GLN B 289 -1.98 6.47 -17.55
N LYS B 290 -0.78 6.97 -17.25
CA LYS B 290 -0.52 8.40 -17.10
C LYS B 290 -0.96 9.23 -18.29
N ASN B 291 -1.08 8.62 -19.48
CA ASN B 291 -1.45 9.33 -20.70
C ASN B 291 -2.82 8.94 -21.22
N SER B 292 -3.60 8.19 -20.44
CA SER B 292 -4.86 7.65 -20.91
C SER B 292 -6.07 8.31 -20.26
N LEU B 293 -5.87 9.31 -19.41
CA LEU B 293 -6.98 9.95 -18.71
C LEU B 293 -6.97 11.46 -18.98
N HIS B 294 -7.13 11.84 -20.25
CA HIS B 294 -6.91 13.24 -20.61
C HIS B 294 -7.94 14.17 -19.98
N ASN B 295 -9.20 13.76 -19.96
CA ASN B 295 -10.20 14.68 -19.42
C ASN B 295 -10.03 14.83 -17.92
N THR B 296 -9.75 13.71 -17.24
CA THR B 296 -9.55 13.77 -15.80
C THR B 296 -8.31 14.58 -15.45
N GLU B 297 -7.22 14.40 -16.19
CA GLU B 297 -6.00 15.16 -15.89
C GLU B 297 -6.24 16.66 -16.11
N LYS B 298 -6.98 17.02 -17.17
CA LYS B 298 -7.24 18.43 -17.41
C LYS B 298 -8.07 19.07 -16.31
N ILE B 299 -9.13 18.40 -15.84
CA ILE B 299 -9.94 19.04 -14.80
C ILE B 299 -9.18 19.07 -13.47
N MET B 300 -8.46 18.01 -13.15
CA MET B 300 -7.67 18.03 -11.91
C MET B 300 -6.65 19.14 -11.91
N GLU B 301 -5.96 19.35 -13.04
CA GLU B 301 -4.96 20.41 -13.11
C GLU B 301 -5.58 21.81 -13.02
N ASN B 302 -6.80 22.01 -13.55
CA ASN B 302 -7.38 23.34 -13.50
C ASN B 302 -8.20 23.61 -12.24
N LYS B 303 -8.60 22.56 -11.53
CA LYS B 303 -9.41 22.71 -10.33
C LYS B 303 -8.65 22.44 -9.03
N TYR B 304 -7.66 21.55 -9.04
CA TYR B 304 -6.94 21.21 -7.82
C TYR B 304 -5.44 21.10 -8.10
N PRO B 305 -4.82 22.12 -8.69
CA PRO B 305 -3.39 22.02 -8.97
C PRO B 305 -2.53 21.94 -7.73
N GLU B 306 -3.06 22.31 -6.55
CA GLU B 306 -2.26 22.25 -5.33
C GLU B 306 -1.94 20.82 -4.95
N LEU B 307 -2.97 19.97 -4.89
CA LEU B 307 -2.78 18.56 -4.55
C LEU B 307 -1.66 17.94 -5.37
N LEU B 308 -1.47 18.38 -6.60
CA LEU B 308 -0.47 17.80 -7.49
C LEU B 308 0.81 18.62 -7.46
N1 VYK C . -48.85 3.09 8.37
C7 VYK C . -47.08 8.42 5.07
C8 VYK C . -48.51 5.43 8.22
C9 VYK C . -49.44 4.31 8.34
C1 VYK C . -47.28 6.52 6.55
C5 VYK C . -46.84 7.97 2.71
C6 VYK C . -46.79 8.79 3.78
C4 VYK C . -47.10 6.67 2.94
C3 VYK C . -47.27 6.24 4.25
C2 VYK C . -47.29 7.09 5.28
O VYK C . -50.62 4.56 8.39
N VYK C . -48.62 5.90 6.81
C VYK C . -49.69 6.91 6.77
CL VYK C . -46.06 10.21 3.50
#